data_8YU4
#
_entry.id   8YU4
#
_cell.length_a   52.920
_cell.length_b   53.230
_cell.length_c   101.490
_cell.angle_alpha   90.000
_cell.angle_beta   96.855
_cell.angle_gamma   90.000
#
_symmetry.space_group_name_H-M   'P 1 21 1'
#
loop_
_entity.id
_entity.type
_entity.pdbx_description
1 polymer 'Putative flavin-binding monooxygenase'
2 non-polymer '1,4-DIHYDRONICOTINAMIDE ADENINE DINUCLEOTIDE'
3 non-polymer 'FLAVIN-ADENINE DINUCLEOTIDE'
4 water water
#
_entity_poly.entity_id   1
_entity_poly.type   'polypeptide(L)'
_entity_poly.pdbx_seq_one_letter_code
;MHHHHHHTQKMDFDAIIIGAGFGGLYSLKKLRDDFNLKVRAFDRATEVGGTWFWNQYPGALSDSETHLYCYSWDKELLQE
MEIKRKYISQPDVLAYLKRVADKHDLRKDIQFETGIRSAYFDEENSFWNVTTENDEKFTARFLITALGPLSSPNWPIIKG
IETFKGELHHTSRWPKDVTFSGKRVGVIGTGSTGVQVITAIASQVKHLTVFQRSAQYSVPIGNVVMSETDVAKIKENYDQ
IWENVWNSALGYGLNESTLPTMSVSAEERDKIFEKAWQEGGGFRFMFETFGDIAVDETANIEAQNFIKKKISEIVKDPFV
AKKLTPTDLYACRPLCDSGYYEIFNRDNVSLEDVKANPIVEIKEDCVVTADGVEHKLDMLICATGFDAVDGSYKRIDIRG
KDGISIKDHWKDGPNSYLGMMVSNFPNMFMVFGPNGPLANSPPIIETQVRWIADLIGYAEDHQINQIEATKDAVDNWTNT
CSDIANKTLFAKAKCRIFGANVPGKKNTVYLYMGGLKEYRNQISEVSNNNYKGCLLKQSVKKTNLIES
;
_entity_poly.pdbx_strand_id   A
#
# COMPACT_ATOMS: atom_id res chain seq x y z
N THR A 8 -19.48 -5.57 -37.10
CA THR A 8 -19.35 -6.57 -36.06
C THR A 8 -19.37 -5.95 -34.67
N GLN A 9 -18.19 -5.70 -34.12
CA GLN A 9 -18.00 -5.28 -32.74
C GLN A 9 -18.92 -4.13 -32.34
N LYS A 10 -19.88 -4.41 -31.47
CA LYS A 10 -20.73 -3.35 -30.90
C LYS A 10 -20.05 -2.70 -29.72
N MET A 11 -19.70 -3.50 -28.71
CA MET A 11 -18.98 -3.07 -27.51
C MET A 11 -19.81 -2.14 -26.63
N ASP A 12 -19.84 -2.43 -25.33
CA ASP A 12 -20.55 -1.55 -24.40
C ASP A 12 -19.72 -0.32 -24.05
N PHE A 13 -18.42 -0.49 -23.85
CA PHE A 13 -17.54 0.61 -23.44
C PHE A 13 -16.21 0.47 -24.16
N ASP A 14 -15.44 1.56 -24.14
CA ASP A 14 -14.07 1.52 -24.60
C ASP A 14 -13.14 0.91 -23.55
N ALA A 15 -13.45 1.12 -22.28
CA ALA A 15 -12.64 0.60 -21.19
C ALA A 15 -13.52 0.32 -19.98
N ILE A 16 -13.19 -0.74 -19.25
CA ILE A 16 -13.84 -1.08 -18.00
C ILE A 16 -12.79 -1.03 -16.89
N ILE A 17 -13.12 -0.34 -15.81
CA ILE A 17 -12.21 -0.17 -14.67
C ILE A 17 -12.76 -0.95 -13.48
N ILE A 18 -11.90 -1.69 -12.80
CA ILE A 18 -12.25 -2.39 -11.58
C ILE A 18 -11.56 -1.67 -10.43
N GLY A 19 -12.35 -0.99 -9.60
CA GLY A 19 -11.80 -0.26 -8.47
C GLY A 19 -12.15 1.21 -8.51
N ALA A 20 -12.54 1.75 -7.35
CA ALA A 20 -12.88 3.17 -7.23
C ALA A 20 -12.04 3.84 -6.14
N GLY A 21 -10.81 3.39 -5.96
CA GLY A 21 -9.86 4.02 -5.05
C GLY A 21 -9.02 5.07 -5.76
N PHE A 22 -7.84 5.31 -5.22
CA PHE A 22 -6.91 6.27 -5.82
C PHE A 22 -6.64 5.92 -7.29
N GLY A 23 -6.38 4.65 -7.57
CA GLY A 23 -6.05 4.26 -8.93
C GLY A 23 -7.24 4.29 -9.87
N GLY A 24 -8.39 3.81 -9.40
CA GLY A 24 -9.55 3.72 -10.27
C GLY A 24 -10.18 5.06 -10.58
N LEU A 25 -10.17 5.98 -9.60
CA LEU A 25 -10.77 7.28 -9.82
C LEU A 25 -10.03 8.09 -10.86
N TYR A 26 -8.68 8.07 -10.82
CA TYR A 26 -7.91 8.81 -11.81
C TYR A 26 -7.93 8.11 -13.17
N SER A 27 -7.98 6.78 -13.18
CA SER A 27 -8.16 6.06 -14.44
C SER A 27 -9.45 6.46 -15.12
N LEU A 28 -10.52 6.65 -14.34
CA LEU A 28 -11.79 7.08 -14.89
C LEU A 28 -11.72 8.51 -15.41
N LYS A 29 -11.10 9.41 -14.64
CA LYS A 29 -11.01 10.80 -15.06
C LYS A 29 -10.16 10.95 -16.32
N LYS A 30 -9.03 10.25 -16.39
CA LYS A 30 -8.13 10.40 -17.52
C LYS A 30 -8.74 9.84 -18.80
N LEU A 31 -9.31 8.64 -18.72
CA LEU A 31 -9.81 7.97 -19.93
C LEU A 31 -11.10 8.62 -20.44
N ARG A 32 -11.97 9.04 -19.52
CA ARG A 32 -13.28 9.55 -19.93
C ARG A 32 -13.23 11.01 -20.34
N ASP A 33 -12.51 11.85 -19.59
CA ASP A 33 -12.55 13.28 -19.79
C ASP A 33 -11.41 13.82 -20.65
N ASP A 34 -10.22 13.22 -20.56
CA ASP A 34 -9.07 13.70 -21.33
C ASP A 34 -8.90 12.97 -22.65
N PHE A 35 -9.48 11.78 -22.80
CA PHE A 35 -9.43 11.05 -24.05
C PHE A 35 -10.81 10.76 -24.62
N ASN A 36 -11.88 11.23 -23.95
CA ASN A 36 -13.25 11.15 -24.47
C ASN A 36 -13.66 9.71 -24.79
N LEU A 37 -13.24 8.77 -23.95
CA LEU A 37 -13.62 7.38 -24.10
C LEU A 37 -14.86 7.07 -23.27
N LYS A 38 -15.57 6.02 -23.67
CA LYS A 38 -16.75 5.55 -22.94
C LYS A 38 -16.28 4.54 -21.91
N VAL A 39 -16.37 4.90 -20.63
CA VAL A 39 -15.81 4.10 -19.54
C VAL A 39 -16.88 3.82 -18.50
N ARG A 40 -16.74 2.66 -17.85
CA ARG A 40 -17.56 2.31 -16.69
C ARG A 40 -16.66 1.65 -15.65
N ALA A 41 -16.79 2.07 -14.40
CA ALA A 41 -15.99 1.55 -13.31
C ALA A 41 -16.88 0.76 -12.34
N PHE A 42 -16.29 -0.25 -11.70
CA PHE A 42 -17.00 -1.12 -10.79
C PHE A 42 -16.24 -1.25 -9.48
N ASP A 43 -16.99 -1.44 -8.39
CA ASP A 43 -16.41 -1.66 -7.08
C ASP A 43 -17.47 -2.27 -6.17
N ARG A 44 -17.05 -3.20 -5.31
CA ARG A 44 -17.97 -3.78 -4.34
C ARG A 44 -18.42 -2.75 -3.32
N ALA A 45 -17.59 -1.73 -3.08
CA ALA A 45 -17.91 -0.71 -2.09
C ALA A 45 -19.14 0.09 -2.51
N THR A 46 -19.79 0.69 -1.53
CA THR A 46 -20.93 1.58 -1.76
C THR A 46 -20.51 3.02 -2.02
N GLU A 47 -19.21 3.30 -2.01
CA GLU A 47 -18.71 4.66 -2.16
C GLU A 47 -17.25 4.59 -2.58
N VAL A 48 -16.77 5.67 -3.21
CA VAL A 48 -15.37 5.74 -3.59
C VAL A 48 -14.48 5.73 -2.35
N GLY A 49 -13.20 5.45 -2.57
CA GLY A 49 -12.24 5.47 -1.48
C GLY A 49 -11.23 4.34 -1.50
N GLY A 50 -11.65 3.16 -1.93
CA GLY A 50 -10.75 2.01 -1.93
C GLY A 50 -10.48 1.56 -0.51
N THR A 51 -9.19 1.37 -0.19
CA THR A 51 -8.82 0.97 1.16
C THR A 51 -9.28 1.98 2.20
N TRP A 52 -9.40 3.25 1.81
CA TRP A 52 -9.83 4.29 2.74
C TRP A 52 -11.33 4.23 3.02
N PHE A 53 -12.09 3.48 2.23
CA PHE A 53 -13.47 3.17 2.58
C PHE A 53 -13.56 1.90 3.43
N TRP A 54 -12.73 0.91 3.12
CA TRP A 54 -12.80 -0.37 3.83
C TRP A 54 -12.13 -0.30 5.19
N ASN A 55 -10.93 0.25 5.26
CA ASN A 55 -10.12 0.24 6.48
C ASN A 55 -10.48 1.47 7.31
N GLN A 56 -11.25 1.26 8.38
CA GLN A 56 -11.62 2.33 9.31
C GLN A 56 -11.31 1.93 10.74
N TYR A 57 -10.17 1.30 10.95
CA TYR A 57 -9.76 0.85 12.28
C TYR A 57 -9.21 2.04 13.07
N PRO A 58 -9.16 1.91 14.40
CA PRO A 58 -8.65 3.02 15.22
C PRO A 58 -7.19 3.32 14.92
N GLY A 59 -6.89 4.60 14.70
CA GLY A 59 -5.55 5.04 14.43
C GLY A 59 -5.10 4.94 12.98
N ALA A 60 -6.01 4.63 12.05
CA ALA A 60 -5.65 4.56 10.65
C ALA A 60 -5.11 5.91 10.18
N LEU A 61 -3.87 5.90 9.70
CA LEU A 61 -3.17 7.14 9.38
C LEU A 61 -2.23 6.88 8.20
N SER A 62 -2.02 7.91 7.39
CA SER A 62 -1.17 7.78 6.22
C SER A 62 0.30 7.73 6.62
N ASP A 63 1.10 7.08 5.76
CA ASP A 63 2.54 7.06 5.96
C ASP A 63 3.19 8.32 5.42
N SER A 64 2.65 8.87 4.33
CA SER A 64 3.17 10.09 3.74
C SER A 64 2.42 11.31 4.27
N GLU A 65 3.09 12.46 4.24
CA GLU A 65 2.50 13.68 4.77
C GLU A 65 1.28 14.09 3.95
N THR A 66 0.42 14.89 4.59
CA THR A 66 -0.89 15.21 4.00
C THR A 66 -0.74 15.90 2.65
N HIS A 67 0.17 16.86 2.54
CA HIS A 67 0.28 17.64 1.31
C HIS A 67 0.81 16.84 0.13
N LEU A 68 1.26 15.59 0.36
CA LEU A 68 1.75 14.74 -0.70
C LEU A 68 0.92 13.49 -0.93
N TYR A 69 0.09 13.09 0.02
CA TYR A 69 -0.78 11.91 -0.15
C TYR A 69 -2.10 12.37 -0.78
N CYS A 70 -2.01 12.78 -2.04
CA CYS A 70 -3.15 13.35 -2.75
C CYS A 70 -2.81 13.38 -4.24
N TYR A 71 -3.78 13.81 -5.03
CA TYR A 71 -3.57 13.99 -6.46
C TYR A 71 -2.77 15.26 -6.73
N SER A 72 -2.02 15.24 -7.82
CA SER A 72 -1.25 16.41 -8.26
C SER A 72 -1.71 16.97 -9.59
N TRP A 73 -2.65 16.33 -10.28
CA TRP A 73 -3.05 16.75 -11.62
C TRP A 73 -4.08 17.87 -11.61
N ASP A 74 -4.71 18.15 -10.48
CA ASP A 74 -5.71 19.22 -10.36
C ASP A 74 -5.10 20.32 -9.51
N LYS A 75 -4.58 21.36 -10.17
CA LYS A 75 -3.94 22.46 -9.44
C LYS A 75 -4.93 23.20 -8.56
N GLU A 76 -6.18 23.33 -9.00
CA GLU A 76 -7.18 24.01 -8.19
C GLU A 76 -7.50 23.22 -6.92
N LEU A 77 -7.55 21.89 -7.04
CA LEU A 77 -7.79 21.06 -5.86
C LEU A 77 -6.65 21.16 -4.86
N LEU A 78 -5.42 21.35 -5.34
CA LEU A 78 -4.28 21.50 -4.44
C LEU A 78 -4.42 22.77 -3.60
N GLN A 79 -4.80 23.89 -4.23
CA GLN A 79 -5.00 25.13 -3.49
C GLN A 79 -6.21 25.04 -2.56
N GLU A 80 -7.22 24.26 -2.94
CA GLU A 80 -8.44 24.09 -2.16
C GLU A 80 -8.29 23.08 -1.03
N MET A 81 -7.20 22.30 -1.03
CA MET A 81 -7.12 21.13 -0.18
C MET A 81 -7.00 21.50 1.29
N GLU A 82 -7.65 20.71 2.14
CA GLU A 82 -7.54 20.85 3.58
C GLU A 82 -6.28 20.14 4.06
N ILE A 83 -5.38 20.89 4.71
CA ILE A 83 -4.19 20.31 5.32
C ILE A 83 -4.27 20.54 6.82
N LYS A 84 -5.04 19.69 7.50
CA LYS A 84 -5.34 19.89 8.91
C LYS A 84 -4.15 19.51 9.79
N ARG A 85 -3.57 18.33 9.57
CA ARG A 85 -2.43 17.86 10.33
C ARG A 85 -1.34 17.41 9.37
N LYS A 86 -0.14 17.20 9.92
CA LYS A 86 1.00 16.83 9.08
C LYS A 86 0.73 15.53 8.32
N TYR A 87 0.02 14.61 8.94
CA TYR A 87 -0.43 13.39 8.30
C TYR A 87 -1.95 13.33 8.36
N ILE A 88 -2.55 12.60 7.44
CA ILE A 88 -3.98 12.65 7.21
C ILE A 88 -4.61 11.34 7.68
N SER A 89 -5.70 11.46 8.43
CA SER A 89 -6.40 10.30 8.99
C SER A 89 -7.36 9.71 7.96
N GLN A 90 -7.86 8.52 8.28
CA GLN A 90 -8.74 7.80 7.35
C GLN A 90 -10.01 8.57 7.01
N PRO A 91 -10.77 9.12 7.96
CA PRO A 91 -11.99 9.85 7.57
C PRO A 91 -11.70 11.06 6.68
N ASP A 92 -10.50 11.65 6.79
CA ASP A 92 -10.17 12.81 5.97
C ASP A 92 -9.70 12.40 4.57
N VAL A 93 -9.03 11.26 4.44
CA VAL A 93 -8.71 10.75 3.10
C VAL A 93 -10.00 10.37 2.37
N LEU A 94 -10.91 9.70 3.06
CA LEU A 94 -12.19 9.34 2.45
C LEU A 94 -12.96 10.58 2.01
N ALA A 95 -12.98 11.61 2.87
CA ALA A 95 -13.66 12.85 2.50
C ALA A 95 -12.98 13.52 1.31
N TYR A 96 -11.65 13.42 1.24
CA TYR A 96 -10.92 14.01 0.11
C TYR A 96 -11.28 13.32 -1.20
N LEU A 97 -11.27 11.98 -1.20
CA LEU A 97 -11.58 11.26 -2.43
C LEU A 97 -13.03 11.43 -2.83
N LYS A 98 -13.94 11.59 -1.87
CA LYS A 98 -15.33 11.91 -2.20
C LYS A 98 -15.42 13.28 -2.87
N ARG A 99 -14.63 14.24 -2.41
CA ARG A 99 -14.62 15.56 -3.03
C ARG A 99 -14.08 15.49 -4.45
N VAL A 100 -13.08 14.63 -4.69
CA VAL A 100 -12.59 14.44 -6.05
C VAL A 100 -13.70 13.92 -6.96
N ALA A 101 -14.49 12.97 -6.45
CA ALA A 101 -15.61 12.46 -7.24
C ALA A 101 -16.70 13.50 -7.42
N ASP A 102 -16.90 14.38 -6.43
CA ASP A 102 -17.90 15.43 -6.55
C ASP A 102 -17.52 16.42 -7.64
N LYS A 103 -16.29 16.94 -7.59
CA LYS A 103 -15.88 17.99 -8.50
C LYS A 103 -15.87 17.53 -9.95
N HIS A 104 -15.42 16.30 -10.19
CA HIS A 104 -15.21 15.81 -11.55
C HIS A 104 -16.32 14.87 -12.02
N ASP A 105 -17.43 14.79 -11.29
CA ASP A 105 -18.64 14.10 -11.74
C ASP A 105 -18.33 12.65 -12.11
N LEU A 106 -17.69 11.94 -11.18
CA LEU A 106 -17.20 10.59 -11.45
C LEU A 106 -18.21 9.50 -11.11
N ARG A 107 -19.09 9.74 -10.14
CA ARG A 107 -19.98 8.68 -9.67
C ARG A 107 -21.00 8.25 -10.72
N LYS A 108 -21.31 9.11 -11.70
CA LYS A 108 -22.27 8.74 -12.73
C LYS A 108 -21.77 7.60 -13.60
N ASP A 109 -20.47 7.33 -13.60
CA ASP A 109 -19.89 6.25 -14.40
C ASP A 109 -19.25 5.18 -13.52
N ILE A 110 -19.64 5.11 -12.25
CA ILE A 110 -19.19 4.06 -11.33
C ILE A 110 -20.40 3.25 -10.91
N GLN A 111 -20.31 1.93 -11.02
CA GLN A 111 -21.36 1.02 -10.56
C GLN A 111 -20.93 0.47 -9.21
N PHE A 112 -21.50 1.02 -8.14
CA PHE A 112 -21.18 0.58 -6.79
C PHE A 112 -21.94 -0.71 -6.45
N GLU A 113 -21.55 -1.32 -5.34
CA GLU A 113 -22.17 -2.55 -4.84
C GLU A 113 -22.10 -3.67 -5.87
N THR A 114 -21.09 -3.65 -6.74
CA THR A 114 -20.98 -4.58 -7.85
C THR A 114 -19.57 -5.16 -7.88
N GLY A 115 -19.46 -6.46 -7.66
CA GLY A 115 -18.19 -7.15 -7.73
C GLY A 115 -18.01 -7.83 -9.07
N ILE A 116 -16.79 -7.76 -9.60
CA ILE A 116 -16.45 -8.38 -10.87
C ILE A 116 -16.03 -9.82 -10.61
N ARG A 117 -16.76 -10.77 -11.19
CA ARG A 117 -16.47 -12.18 -10.97
C ARG A 117 -15.47 -12.73 -11.99
N SER A 118 -15.58 -12.33 -13.25
CA SER A 118 -14.73 -12.90 -14.29
C SER A 118 -14.52 -11.87 -15.40
N ALA A 119 -13.38 -12.01 -16.09
CA ALA A 119 -13.06 -11.22 -17.27
C ALA A 119 -12.39 -12.14 -18.28
N TYR A 120 -13.08 -12.41 -19.39
CA TYR A 120 -12.59 -13.31 -20.42
C TYR A 120 -12.25 -12.50 -21.67
N PHE A 121 -11.06 -12.73 -22.21
CA PHE A 121 -10.64 -12.03 -23.41
C PHE A 121 -11.14 -12.76 -24.65
N ASP A 122 -11.76 -12.01 -25.56
CA ASP A 122 -12.30 -12.55 -26.81
C ASP A 122 -11.26 -12.28 -27.90
N GLU A 123 -10.47 -13.31 -28.23
CA GLU A 123 -9.45 -13.16 -29.26
C GLU A 123 -10.03 -12.91 -30.64
N GLU A 124 -11.30 -13.27 -30.86
CA GLU A 124 -11.92 -13.03 -32.15
C GLU A 124 -12.19 -11.54 -32.37
N ASN A 125 -12.86 -10.90 -31.41
CA ASN A 125 -13.19 -9.48 -31.51
C ASN A 125 -12.18 -8.59 -30.80
N SER A 126 -11.23 -9.17 -30.07
CA SER A 126 -10.18 -8.41 -29.38
C SER A 126 -10.77 -7.43 -28.36
N PHE A 127 -11.72 -7.91 -27.56
CA PHE A 127 -12.19 -7.16 -26.40
C PHE A 127 -12.36 -8.13 -25.23
N TRP A 128 -12.84 -7.60 -24.11
CA TRP A 128 -12.96 -8.34 -22.87
C TRP A 128 -14.42 -8.60 -22.53
N ASN A 129 -14.72 -9.82 -22.10
CA ASN A 129 -16.04 -10.19 -21.61
C ASN A 129 -15.99 -10.17 -20.08
N VAL A 130 -16.50 -9.09 -19.49
CA VAL A 130 -16.49 -8.91 -18.05
C VAL A 130 -17.86 -9.25 -17.49
N THR A 131 -17.88 -10.15 -16.50
CA THR A 131 -19.11 -10.58 -15.87
C THR A 131 -19.05 -10.22 -14.39
N THR A 132 -20.06 -9.50 -13.91
CA THR A 132 -20.15 -9.18 -12.50
C THR A 132 -20.50 -10.43 -11.70
N GLU A 133 -20.44 -10.30 -10.38
CA GLU A 133 -20.88 -11.40 -9.52
C GLU A 133 -22.39 -11.59 -9.57
N ASN A 134 -23.13 -10.68 -10.21
CA ASN A 134 -24.58 -10.81 -10.30
C ASN A 134 -25.01 -11.16 -11.71
N ASP A 135 -24.11 -11.76 -12.50
CA ASP A 135 -24.38 -12.28 -13.84
C ASP A 135 -24.67 -11.19 -14.86
N GLU A 136 -24.28 -9.95 -14.59
CA GLU A 136 -24.34 -8.89 -15.58
C GLU A 136 -23.08 -8.91 -16.44
N LYS A 137 -23.26 -8.87 -17.76
CA LYS A 137 -22.15 -9.00 -18.69
C LYS A 137 -21.96 -7.68 -19.44
N PHE A 138 -20.71 -7.20 -19.46
CA PHE A 138 -20.35 -6.00 -20.20
C PHE A 138 -19.18 -6.32 -21.12
N THR A 139 -19.07 -5.56 -22.21
CA THR A 139 -17.99 -5.71 -23.17
C THR A 139 -17.20 -4.40 -23.25
N ALA A 140 -15.88 -4.52 -23.31
CA ALA A 140 -15.02 -3.35 -23.42
C ALA A 140 -13.71 -3.76 -24.06
N ARG A 141 -13.16 -2.84 -24.85
CA ARG A 141 -11.90 -3.12 -25.55
C ARG A 141 -10.75 -3.27 -24.56
N PHE A 142 -10.68 -2.43 -23.55
CA PHE A 142 -9.58 -2.41 -22.61
C PHE A 142 -10.07 -2.69 -21.20
N LEU A 143 -9.25 -3.37 -20.42
CA LEU A 143 -9.55 -3.69 -19.02
C LEU A 143 -8.52 -3.00 -18.14
N ILE A 144 -8.98 -2.09 -17.29
CA ILE A 144 -8.13 -1.37 -16.36
C ILE A 144 -8.40 -1.95 -14.97
N THR A 145 -7.38 -2.59 -14.39
CA THR A 145 -7.49 -3.23 -13.09
C THR A 145 -6.78 -2.37 -12.06
N ALA A 146 -7.56 -1.71 -11.19
CA ALA A 146 -7.04 -0.90 -10.11
C ALA A 146 -7.46 -1.54 -8.79
N LEU A 147 -6.85 -2.69 -8.47
CA LEU A 147 -7.27 -3.52 -7.35
C LEU A 147 -6.54 -3.19 -6.05
N GLY A 148 -5.46 -2.43 -6.10
CA GLY A 148 -4.72 -2.10 -4.91
C GLY A 148 -3.62 -3.09 -4.60
N PRO A 149 -2.87 -2.85 -3.52
CA PRO A 149 -1.75 -3.73 -3.17
C PRO A 149 -2.07 -4.81 -2.18
N LEU A 150 -3.28 -4.83 -1.60
CA LEU A 150 -3.65 -5.79 -0.58
C LEU A 150 -4.81 -6.64 -1.04
N SER A 151 -4.78 -7.92 -0.66
CA SER A 151 -5.83 -8.86 -1.05
C SER A 151 -6.76 -9.18 0.11
N SER A 152 -7.20 -10.43 0.20
CA SER A 152 -8.16 -10.83 1.20
C SER A 152 -7.55 -10.75 2.60
N PRO A 153 -8.37 -10.49 3.62
CA PRO A 153 -7.85 -10.40 4.98
C PRO A 153 -7.24 -11.72 5.43
N ASN A 154 -6.10 -11.62 6.10
CA ASN A 154 -5.37 -12.79 6.60
C ASN A 154 -5.71 -12.97 8.08
N TRP A 155 -6.46 -14.03 8.40
CA TRP A 155 -6.79 -14.39 9.76
C TRP A 155 -5.73 -15.35 10.32
N PRO A 156 -5.47 -15.29 11.63
CA PRO A 156 -4.51 -16.22 12.22
C PRO A 156 -5.11 -17.62 12.35
N ILE A 157 -4.40 -18.61 11.81
CA ILE A 157 -4.83 -20.01 11.92
C ILE A 157 -4.57 -20.47 13.34
N ILE A 158 -5.60 -20.42 14.18
CA ILE A 158 -5.51 -20.75 15.59
C ILE A 158 -6.67 -21.68 15.95
N LYS A 159 -6.36 -22.79 16.61
CA LYS A 159 -7.37 -23.78 16.96
C LYS A 159 -8.43 -23.15 17.87
N GLY A 160 -9.69 -23.31 17.49
CA GLY A 160 -10.79 -22.81 18.29
C GLY A 160 -11.08 -21.34 18.13
N ILE A 161 -10.65 -20.72 17.03
CA ILE A 161 -10.93 -19.30 16.83
C ILE A 161 -12.42 -19.05 16.67
N GLU A 162 -13.15 -20.01 16.10
CA GLU A 162 -14.60 -19.92 15.95
C GLU A 162 -15.34 -20.10 17.26
N THR A 163 -14.65 -20.41 18.35
CA THR A 163 -15.28 -20.64 19.65
C THR A 163 -15.47 -19.35 20.44
N PHE A 164 -14.63 -18.35 20.20
CA PHE A 164 -14.69 -17.10 20.97
C PHE A 164 -16.08 -16.49 20.91
N LYS A 165 -16.64 -16.18 22.09
CA LYS A 165 -17.97 -15.61 22.21
C LYS A 165 -17.97 -14.10 22.31
N GLY A 166 -16.82 -13.48 22.58
CA GLY A 166 -16.72 -12.04 22.65
C GLY A 166 -16.64 -11.41 21.28
N GLU A 167 -16.26 -10.13 21.28
CA GLU A 167 -16.10 -9.40 20.03
C GLU A 167 -14.82 -9.84 19.33
N LEU A 168 -14.95 -10.23 18.06
CA LEU A 168 -13.83 -10.66 17.23
C LEU A 168 -13.83 -9.80 15.97
N HIS A 169 -12.85 -8.89 15.87
CA HIS A 169 -12.79 -7.92 14.79
C HIS A 169 -11.46 -8.05 14.06
N HIS A 170 -11.52 -8.06 12.73
CA HIS A 170 -10.33 -7.86 11.90
C HIS A 170 -10.24 -6.39 11.54
N THR A 171 -9.01 -5.85 11.55
CA THR A 171 -8.83 -4.43 11.30
C THR A 171 -9.31 -4.02 9.90
N SER A 172 -9.33 -4.96 8.96
CA SER A 172 -9.82 -4.68 7.62
C SER A 172 -11.34 -4.56 7.56
N ARG A 173 -12.05 -5.10 8.54
CA ARG A 173 -13.50 -5.02 8.61
C ARG A 173 -13.94 -4.45 9.95
N TRP A 174 -13.37 -3.30 10.30
CA TRP A 174 -13.67 -2.68 11.58
C TRP A 174 -15.09 -2.14 11.57
N PRO A 175 -15.96 -2.60 12.46
CA PRO A 175 -17.34 -2.11 12.47
C PRO A 175 -17.47 -0.79 13.23
N LYS A 176 -18.59 -0.13 12.98
CA LYS A 176 -18.89 1.12 13.67
C LYS A 176 -19.37 0.83 15.08
N ASP A 177 -19.35 1.88 15.92
CA ASP A 177 -19.92 1.87 17.26
C ASP A 177 -19.19 0.93 18.21
N VAL A 178 -17.90 0.67 17.95
CA VAL A 178 -17.12 -0.18 18.85
C VAL A 178 -16.68 0.64 20.05
N THR A 179 -16.99 0.14 21.25
CA THR A 179 -16.62 0.78 22.50
C THR A 179 -15.57 -0.04 23.22
N PHE A 180 -14.65 0.64 23.90
CA PHE A 180 -13.52 -0.01 24.56
C PHE A 180 -13.57 0.07 26.08
N SER A 181 -14.36 0.98 26.65
CA SER A 181 -14.30 1.25 28.08
C SER A 181 -14.70 0.03 28.89
N GLY A 182 -13.89 -0.29 29.91
CA GLY A 182 -14.19 -1.37 30.82
C GLY A 182 -13.96 -2.76 30.26
N LYS A 183 -13.41 -2.89 29.06
CA LYS A 183 -13.24 -4.18 28.41
C LYS A 183 -11.78 -4.63 28.46
N ARG A 184 -11.59 -5.94 28.54
CA ARG A 184 -10.29 -6.55 28.35
C ARG A 184 -10.11 -6.88 26.87
N VAL A 185 -9.11 -6.27 26.24
CA VAL A 185 -8.94 -6.34 24.80
C VAL A 185 -7.58 -6.97 24.49
N GLY A 186 -7.54 -7.78 23.44
CA GLY A 186 -6.30 -8.35 22.95
C GLY A 186 -6.09 -7.98 21.50
N VAL A 187 -4.83 -7.78 21.13
CA VAL A 187 -4.45 -7.44 19.77
C VAL A 187 -3.41 -8.45 19.29
N ILE A 188 -3.69 -9.12 18.18
CA ILE A 188 -2.75 -10.03 17.55
C ILE A 188 -2.15 -9.33 16.34
N GLY A 189 -0.83 -9.14 16.37
CA GLY A 189 -0.15 -8.46 15.28
C GLY A 189 0.42 -7.12 15.67
N THR A 190 1.70 -6.90 15.38
CA THR A 190 2.39 -5.66 15.70
C THR A 190 3.02 -5.05 14.45
N GLY A 191 2.32 -5.14 13.33
CA GLY A 191 2.74 -4.46 12.12
C GLY A 191 2.34 -3.00 12.15
N SER A 192 2.28 -2.40 10.96
CA SER A 192 1.88 -1.00 10.87
C SER A 192 0.46 -0.79 11.37
N THR A 193 -0.45 -1.69 10.99
CA THR A 193 -1.83 -1.57 11.46
C THR A 193 -1.95 -1.87 12.95
N GLY A 194 -1.27 -2.92 13.42
CA GLY A 194 -1.33 -3.25 14.83
C GLY A 194 -0.76 -2.16 15.72
N VAL A 195 0.35 -1.57 15.30
CA VAL A 195 0.96 -0.47 16.06
C VAL A 195 -0.01 0.71 16.16
N GLN A 196 -0.70 1.01 15.05
CA GLN A 196 -1.64 2.13 15.06
C GLN A 196 -2.82 1.84 15.98
N VAL A 197 -3.37 0.61 15.93
CA VAL A 197 -4.50 0.27 16.78
C VAL A 197 -4.09 0.27 18.24
N ILE A 198 -2.94 -0.34 18.56
CA ILE A 198 -2.52 -0.46 19.95
C ILE A 198 -2.31 0.92 20.56
N THR A 199 -1.64 1.81 19.83
CA THR A 199 -1.37 3.16 20.34
C THR A 199 -2.66 3.93 20.54
N ALA A 200 -3.69 3.66 19.74
CA ALA A 200 -4.92 4.45 19.80
C ALA A 200 -5.89 3.98 20.88
N ILE A 201 -5.85 2.70 21.26
CA ILE A 201 -6.87 2.13 22.12
C ILE A 201 -6.36 1.78 23.52
N ALA A 202 -5.05 1.86 23.76
CA ALA A 202 -4.51 1.42 25.05
C ALA A 202 -5.09 2.24 26.20
N SER A 203 -5.27 3.54 26.00
CA SER A 203 -5.80 4.40 27.05
C SER A 203 -7.31 4.28 27.21
N GLN A 204 -8.00 3.56 26.33
CA GLN A 204 -9.45 3.46 26.35
C GLN A 204 -9.96 2.15 26.92
N VAL A 205 -9.10 1.15 27.09
CA VAL A 205 -9.53 -0.18 27.51
C VAL A 205 -9.21 -0.37 28.99
N LYS A 206 -9.88 -1.33 29.61
CA LYS A 206 -9.55 -1.70 30.98
C LYS A 206 -8.18 -2.39 31.04
N HIS A 207 -7.91 -3.29 30.10
CA HIS A 207 -6.62 -3.93 30.01
C HIS A 207 -6.37 -4.33 28.56
N LEU A 208 -5.12 -4.20 28.13
CA LEU A 208 -4.73 -4.53 26.76
C LEU A 208 -3.59 -5.55 26.79
N THR A 209 -3.79 -6.66 26.09
CA THR A 209 -2.75 -7.67 25.92
C THR A 209 -2.32 -7.66 24.46
N VAL A 210 -1.03 -7.47 24.22
CA VAL A 210 -0.47 -7.43 22.88
C VAL A 210 0.21 -8.77 22.62
N PHE A 211 -0.27 -9.49 21.61
CA PHE A 211 0.30 -10.78 21.22
C PHE A 211 1.26 -10.54 20.07
N GLN A 212 2.55 -10.49 20.37
CA GLN A 212 3.59 -10.10 19.43
C GLN A 212 4.38 -11.32 19.01
N ARG A 213 4.36 -11.62 17.71
CA ARG A 213 5.15 -12.71 17.17
C ARG A 213 6.54 -12.25 16.73
N SER A 214 6.62 -11.07 16.11
CA SER A 214 7.89 -10.52 15.64
C SER A 214 7.91 -9.04 15.95
N ALA A 215 8.79 -8.64 16.87
CA ALA A 215 8.97 -7.22 17.17
C ALA A 215 9.63 -6.52 15.99
N GLN A 216 9.10 -5.35 15.65
CA GLN A 216 9.60 -4.57 14.53
C GLN A 216 10.06 -3.20 15.02
N TYR A 217 10.91 -2.56 14.22
CA TYR A 217 11.38 -1.22 14.53
C TYR A 217 10.32 -0.21 14.17
N SER A 218 10.18 0.82 14.99
CA SER A 218 9.24 1.89 14.75
C SER A 218 9.83 3.22 15.19
N VAL A 219 9.60 4.25 14.40
CA VAL A 219 10.08 5.60 14.69
C VAL A 219 8.86 6.48 14.88
N PRO A 220 9.01 7.61 15.57
CA PRO A 220 7.88 8.54 15.69
C PRO A 220 7.48 9.08 14.33
N ILE A 221 6.18 9.32 14.16
CA ILE A 221 5.69 9.94 12.93
C ILE A 221 5.64 11.46 13.03
N GLY A 222 5.55 12.00 14.24
CA GLY A 222 5.53 13.45 14.41
C GLY A 222 4.30 14.13 13.84
N ASN A 223 3.13 13.50 13.99
CA ASN A 223 1.89 14.08 13.48
C ASN A 223 1.49 15.28 14.34
N VAL A 224 1.63 16.48 13.78
CA VAL A 224 1.29 17.71 14.48
C VAL A 224 0.29 18.49 13.65
N VAL A 225 -0.41 19.41 14.31
CA VAL A 225 -1.33 20.28 13.61
C VAL A 225 -0.54 21.25 12.73
N MET A 226 -1.13 21.62 11.60
CA MET A 226 -0.49 22.50 10.63
C MET A 226 -1.10 23.89 10.76
N SER A 227 -0.27 24.88 11.06
CA SER A 227 -0.75 26.25 11.16
C SER A 227 -1.15 26.77 9.78
N GLU A 228 -1.87 27.90 9.78
CA GLU A 228 -2.25 28.52 8.51
C GLU A 228 -1.03 29.01 7.75
N THR A 229 0.03 29.42 8.46
CA THR A 229 1.27 29.78 7.79
C THR A 229 1.99 28.55 7.25
N ASP A 230 1.85 27.41 7.93
CA ASP A 230 2.42 26.17 7.41
C ASP A 230 1.72 25.76 6.12
N VAL A 231 0.41 25.93 6.05
CA VAL A 231 -0.37 25.45 4.92
C VAL A 231 -0.26 26.38 3.73
N ALA A 232 -0.61 27.66 3.94
CA ALA A 232 -0.57 28.64 2.85
C ALA A 232 0.81 28.70 2.20
N LYS A 233 1.87 28.47 2.99
CA LYS A 233 3.20 28.46 2.41
C LYS A 233 3.45 27.22 1.56
N ILE A 234 2.86 26.06 1.91
CA ILE A 234 3.00 24.88 1.07
C ILE A 234 2.32 25.11 -0.26
N LYS A 235 1.11 25.68 -0.24
CA LYS A 235 0.37 25.92 -1.47
C LYS A 235 1.05 26.99 -2.33
N GLU A 236 1.82 27.89 -1.71
CA GLU A 236 2.56 28.89 -2.47
C GLU A 236 3.71 28.28 -3.27
N ASN A 237 4.21 27.12 -2.84
CA ASN A 237 5.35 26.47 -3.48
C ASN A 237 4.99 25.06 -3.94
N TYR A 238 3.70 24.82 -4.21
CA TYR A 238 3.26 23.47 -4.57
C TYR A 238 3.86 23.00 -5.89
N ASP A 239 4.14 23.93 -6.81
CA ASP A 239 4.70 23.54 -8.11
C ASP A 239 6.10 22.95 -7.95
N GLN A 240 6.95 23.58 -7.14
CA GLN A 240 8.28 23.03 -6.92
C GLN A 240 8.24 21.77 -6.07
N ILE A 241 7.28 21.68 -5.15
CA ILE A 241 7.18 20.49 -4.30
C ILE A 241 6.92 19.26 -5.14
N TRP A 242 6.03 19.36 -6.13
CA TRP A 242 5.74 18.21 -6.98
C TRP A 242 6.86 17.93 -7.96
N GLU A 243 7.54 18.97 -8.45
CA GLU A 243 8.73 18.74 -9.26
C GLU A 243 9.80 17.97 -8.49
N ASN A 244 9.89 18.20 -7.18
CA ASN A 244 10.80 17.42 -6.35
C ASN A 244 10.35 15.97 -6.25
N VAL A 245 9.03 15.74 -6.24
CA VAL A 245 8.51 14.37 -6.14
C VAL A 245 8.88 13.58 -7.40
N TRP A 246 8.61 14.15 -8.57
CA TRP A 246 8.93 13.47 -9.83
C TRP A 246 10.43 13.28 -10.01
N ASN A 247 11.25 14.09 -9.34
CA ASN A 247 12.70 14.00 -9.45
C ASN A 247 13.34 13.16 -8.35
N SER A 248 12.54 12.52 -7.51
CA SER A 248 13.04 11.77 -6.36
C SER A 248 12.80 10.27 -6.56
N ALA A 249 13.31 9.49 -5.62
CA ALA A 249 13.15 8.04 -5.67
C ALA A 249 11.90 7.55 -4.93
N LEU A 250 11.50 8.24 -3.86
CA LEU A 250 10.37 7.80 -3.05
C LEU A 250 9.14 8.69 -3.15
N GLY A 251 9.29 9.92 -3.59
CA GLY A 251 8.14 10.82 -3.68
C GLY A 251 7.55 11.20 -2.34
N TYR A 252 8.33 11.14 -1.27
CA TYR A 252 7.85 11.49 0.07
C TYR A 252 8.25 12.91 0.47
N GLY A 253 8.78 13.70 -0.46
CA GLY A 253 9.23 15.04 -0.12
C GLY A 253 10.48 15.09 0.73
N LEU A 254 11.30 14.05 0.67
CA LEU A 254 12.49 13.96 1.50
C LEU A 254 13.72 14.49 0.78
N ASN A 255 14.70 14.93 1.56
CA ASN A 255 16.04 15.23 1.04
C ASN A 255 16.83 13.93 1.04
N GLU A 256 16.57 13.12 0.01
CA GLU A 256 17.13 11.78 -0.06
C GLU A 256 18.65 11.83 -0.07
N SER A 257 19.26 11.26 0.97
CA SER A 257 20.68 11.43 1.22
C SER A 257 21.52 10.52 0.36
N THR A 258 22.74 10.97 0.06
CA THR A 258 23.78 10.16 -0.55
C THR A 258 24.97 9.97 0.37
N LEU A 259 24.86 10.42 1.62
CA LEU A 259 25.96 10.39 2.57
C LEU A 259 26.10 8.99 3.17
N PRO A 260 27.28 8.38 3.12
CA PRO A 260 27.46 7.07 3.75
C PRO A 260 27.39 7.18 5.26
N THR A 261 26.81 6.17 5.90
CA THR A 261 26.59 6.21 7.34
C THR A 261 27.92 6.23 8.10
N MET A 262 28.86 5.39 7.71
CA MET A 262 30.12 5.26 8.43
C MET A 262 31.17 6.27 7.99
N SER A 263 30.77 7.32 7.26
CA SER A 263 31.69 8.35 6.83
C SER A 263 31.76 9.53 7.80
N VAL A 264 30.97 9.49 8.87
CA VAL A 264 30.96 10.54 9.88
C VAL A 264 31.27 9.92 11.24
N SER A 265 31.56 10.77 12.22
CA SER A 265 31.87 10.31 13.55
C SER A 265 30.62 9.79 14.25
N ALA A 266 30.83 9.11 15.37
CA ALA A 266 29.71 8.60 16.15
C ALA A 266 28.87 9.74 16.72
N GLU A 267 29.50 10.86 17.06
CA GLU A 267 28.75 12.01 17.56
C GLU A 267 27.92 12.65 16.47
N GLU A 268 28.48 12.78 15.27
CA GLU A 268 27.72 13.35 14.15
C GLU A 268 26.64 12.38 13.68
N ARG A 269 26.94 11.08 13.67
CA ARG A 269 25.95 10.09 13.30
C ARG A 269 24.75 10.12 14.24
N ASP A 270 25.00 10.37 15.53
CA ASP A 270 23.91 10.47 16.49
C ASP A 270 23.06 11.71 16.24
N LYS A 271 23.70 12.83 15.89
CA LYS A 271 22.97 14.06 15.62
C LYS A 271 22.05 13.90 14.42
N ILE A 272 22.50 13.16 13.40
CA ILE A 272 21.71 13.02 12.18
C ILE A 272 20.50 12.12 12.43
N PHE A 273 20.70 11.01 13.16
CA PHE A 273 19.58 10.15 13.49
C PHE A 273 18.59 10.84 14.41
N GLU A 274 19.10 11.63 15.37
CA GLU A 274 18.21 12.33 16.30
C GLU A 274 17.38 13.39 15.58
N LYS A 275 17.96 14.03 14.57
CA LYS A 275 17.23 15.06 13.82
C LYS A 275 16.03 14.45 13.10
N ALA A 276 16.23 13.32 12.43
CA ALA A 276 15.12 12.64 11.77
C ALA A 276 14.15 12.04 12.78
N TRP A 277 14.66 11.59 13.92
CA TRP A 277 13.79 11.07 14.98
C TRP A 277 12.84 12.15 15.49
N GLN A 278 13.36 13.37 15.63
CA GLN A 278 12.51 14.48 16.11
C GLN A 278 11.50 14.90 15.05
N GLU A 279 11.93 14.96 13.77
CA GLU A 279 11.02 15.36 12.71
C GLU A 279 9.96 14.30 12.46
N GLY A 280 10.35 13.02 12.49
CA GLY A 280 9.42 11.93 12.33
C GLY A 280 9.38 11.40 10.90
N GLY A 281 8.91 10.16 10.78
CA GLY A 281 8.77 9.54 9.46
C GLY A 281 9.67 8.32 9.33
N GLY A 282 9.07 7.22 8.88
CA GLY A 282 9.84 6.00 8.69
C GLY A 282 10.80 6.09 7.52
N PHE A 283 10.30 6.57 6.37
CA PHE A 283 11.16 6.73 5.21
C PHE A 283 12.20 7.82 5.42
N ARG A 284 11.87 8.82 6.24
CA ARG A 284 12.84 9.88 6.54
C ARG A 284 14.00 9.33 7.36
N PHE A 285 13.71 8.48 8.36
CA PHE A 285 14.78 7.94 9.19
C PHE A 285 15.72 7.05 8.39
N MET A 286 15.23 6.40 7.34
CA MET A 286 16.04 5.48 6.55
C MET A 286 16.81 6.18 5.44
N PHE A 287 16.16 7.10 4.72
CA PHE A 287 16.70 7.61 3.47
C PHE A 287 17.03 9.10 3.47
N GLU A 288 16.61 9.85 4.49
CA GLU A 288 17.04 11.23 4.63
C GLU A 288 18.28 11.37 5.51
N THR A 289 18.51 10.41 6.41
CA THR A 289 19.70 10.45 7.25
C THR A 289 20.95 10.12 6.44
N PHE A 290 20.97 8.93 5.85
CA PHE A 290 22.13 8.45 5.09
C PHE A 290 21.64 7.72 3.86
N GLY A 291 22.56 7.46 2.94
CA GLY A 291 22.23 6.88 1.65
C GLY A 291 22.52 5.41 1.46
N ASP A 292 23.04 4.73 2.49
CA ASP A 292 23.41 3.32 2.37
C ASP A 292 22.82 2.46 3.49
N ILE A 293 21.77 2.94 4.15
CA ILE A 293 21.19 2.19 5.26
C ILE A 293 20.59 0.88 4.77
N ALA A 294 19.95 0.90 3.60
CA ALA A 294 19.35 -0.29 3.02
C ALA A 294 20.34 -1.10 2.18
N VAL A 295 21.60 -0.69 2.11
CA VAL A 295 22.60 -1.32 1.24
C VAL A 295 23.72 -1.95 2.05
N ASP A 296 24.28 -1.21 3.01
CA ASP A 296 25.44 -1.66 3.77
C ASP A 296 25.00 -2.26 5.10
N GLU A 297 25.57 -3.41 5.45
CA GLU A 297 25.20 -4.08 6.70
C GLU A 297 25.64 -3.27 7.91
N THR A 298 26.87 -2.74 7.88
CA THR A 298 27.34 -1.91 8.99
C THR A 298 26.48 -0.67 9.17
N ALA A 299 26.06 -0.06 8.05
CA ALA A 299 25.16 1.09 8.14
C ALA A 299 23.81 0.68 8.72
N ASN A 300 23.26 -0.45 8.27
CA ASN A 300 21.96 -0.89 8.75
C ASN A 300 21.98 -1.17 10.24
N ILE A 301 23.07 -1.76 10.74
CA ILE A 301 23.16 -2.06 12.16
C ILE A 301 23.22 -0.78 12.98
N GLU A 302 23.88 0.26 12.45
CA GLU A 302 23.93 1.54 13.15
C GLU A 302 22.54 2.14 13.30
N ALA A 303 21.71 2.05 12.26
CA ALA A 303 20.34 2.53 12.37
C ALA A 303 19.53 1.68 13.35
N GLN A 304 19.81 0.37 13.42
CA GLN A 304 19.14 -0.48 14.38
C GLN A 304 19.46 -0.07 15.81
N ASN A 305 20.76 0.16 16.09
CA ASN A 305 21.17 0.45 17.46
C ASN A 305 20.62 1.78 17.96
N PHE A 306 20.35 2.72 17.05
CA PHE A 306 19.75 3.98 17.48
C PHE A 306 18.32 3.77 17.95
N ILE A 307 17.53 3.00 17.20
CA ILE A 307 16.15 2.73 17.59
C ILE A 307 16.13 1.83 18.83
N LYS A 308 17.02 0.84 18.88
CA LYS A 308 17.12 -0.01 20.06
C LYS A 308 17.42 0.81 21.31
N LYS A 309 18.35 1.77 21.19
CA LYS A 309 18.66 2.65 22.30
C LYS A 309 17.46 3.51 22.68
N LYS A 310 16.69 3.94 21.69
CA LYS A 310 15.48 4.72 21.97
C LYS A 310 14.45 3.87 22.71
N ILE A 311 14.35 2.59 22.35
CA ILE A 311 13.42 1.70 23.04
C ILE A 311 13.83 1.55 24.50
N SER A 312 15.10 1.25 24.75
CA SER A 312 15.57 1.06 26.12
C SER A 312 15.39 2.30 26.98
N GLU A 313 15.33 3.48 26.36
CA GLU A 313 15.13 4.72 27.11
C GLU A 313 13.65 5.02 27.34
N ILE A 314 12.78 4.66 26.40
CA ILE A 314 11.37 5.03 26.52
C ILE A 314 10.65 4.11 27.50
N VAL A 315 10.66 2.81 27.25
CA VAL A 315 10.02 1.86 28.15
C VAL A 315 10.97 1.60 29.32
N LYS A 316 10.47 1.82 30.54
CA LYS A 316 11.35 1.85 31.71
C LYS A 316 11.67 0.46 32.24
N ASP A 317 10.75 -0.48 32.12
CA ASP A 317 11.03 -1.86 32.49
C ASP A 317 11.99 -2.46 31.48
N PRO A 318 13.24 -2.77 31.86
CA PRO A 318 14.20 -3.29 30.88
C PRO A 318 13.81 -4.63 30.30
N PHE A 319 12.98 -5.41 30.98
CA PHE A 319 12.57 -6.71 30.46
C PHE A 319 11.44 -6.58 29.45
N VAL A 320 10.58 -5.57 29.59
CA VAL A 320 9.61 -5.29 28.55
C VAL A 320 10.30 -4.67 27.34
N ALA A 321 11.27 -3.78 27.57
CA ALA A 321 12.03 -3.22 26.47
C ALA A 321 12.78 -4.29 25.70
N LYS A 322 13.29 -5.31 26.41
CA LYS A 322 13.96 -6.42 25.75
C LYS A 322 12.99 -7.16 24.84
N LYS A 323 11.76 -7.40 25.31
CA LYS A 323 10.76 -8.08 24.49
C LYS A 323 10.38 -7.26 23.27
N LEU A 324 10.39 -5.94 23.38
CA LEU A 324 10.05 -5.06 22.27
C LEU A 324 11.20 -4.90 21.28
N THR A 325 12.41 -5.29 21.64
CA THR A 325 13.57 -5.07 20.79
C THR A 325 13.64 -6.14 19.71
N PRO A 326 13.71 -5.77 18.44
CA PRO A 326 13.74 -6.78 17.38
C PRO A 326 15.04 -7.57 17.39
N THR A 327 14.92 -8.88 17.14
CA THR A 327 16.06 -9.76 17.06
C THR A 327 16.60 -9.91 15.64
N ASP A 328 16.04 -9.17 14.68
CA ASP A 328 16.52 -9.24 13.30
C ASP A 328 17.96 -8.76 13.21
N LEU A 329 18.79 -9.54 12.53
CA LEU A 329 20.17 -9.10 12.29
C LEU A 329 20.20 -7.87 11.39
N TYR A 330 19.29 -7.81 10.42
CA TYR A 330 19.18 -6.68 9.52
C TYR A 330 17.73 -6.21 9.46
N ALA A 331 17.54 -4.91 9.28
CA ALA A 331 16.24 -4.27 9.40
C ALA A 331 15.89 -3.55 8.12
N CYS A 332 14.78 -3.94 7.49
CA CYS A 332 14.30 -3.27 6.30
C CYS A 332 13.61 -1.96 6.65
N ARG A 333 12.27 -1.96 6.61
CA ARG A 333 11.57 -0.70 6.85
C ARG A 333 11.05 -0.62 8.27
N PRO A 334 11.25 0.50 8.96
CA PRO A 334 10.60 0.69 10.26
C PRO A 334 9.20 1.25 10.10
N LEU A 335 8.37 0.98 11.09
CA LEU A 335 7.01 1.50 11.12
C LEU A 335 7.02 2.93 11.64
N CYS A 336 5.85 3.56 11.63
CA CYS A 336 5.65 4.88 12.20
C CYS A 336 4.56 4.82 13.26
N ASP A 337 4.74 5.55 14.35
CA ASP A 337 3.82 5.50 15.47
C ASP A 337 3.66 6.87 16.09
N SER A 338 2.60 7.01 16.89
CA SER A 338 2.30 8.23 17.62
C SER A 338 2.33 7.99 19.12
N GLY A 339 3.27 7.17 19.58
CA GLY A 339 3.41 6.87 20.99
C GLY A 339 3.28 5.40 21.31
N TYR A 340 3.85 4.54 20.45
CA TYR A 340 3.68 3.11 20.60
C TYR A 340 4.47 2.57 21.80
N TYR A 341 5.75 2.91 21.88
CA TYR A 341 6.58 2.35 22.95
C TYR A 341 6.20 2.93 24.31
N GLU A 342 5.66 4.15 24.34
CA GLU A 342 5.19 4.71 25.60
C GLU A 342 4.03 3.93 26.17
N ILE A 343 3.29 3.22 25.32
CA ILE A 343 2.11 2.47 25.75
C ILE A 343 2.49 1.40 26.77
N PHE A 344 3.63 0.76 26.57
CA PHE A 344 4.02 -0.39 27.37
C PHE A 344 4.54 -0.01 28.76
N ASN A 345 4.57 1.28 29.09
CA ASN A 345 4.80 1.73 30.45
C ASN A 345 3.53 1.76 31.29
N ARG A 346 2.37 1.61 30.66
CA ARG A 346 1.10 1.72 31.37
C ARG A 346 0.85 0.49 32.23
N ASP A 347 0.07 0.68 33.29
CA ASP A 347 -0.26 -0.41 34.19
C ASP A 347 -1.27 -1.39 33.59
N ASN A 348 -1.98 -0.98 32.53
CA ASN A 348 -3.05 -1.80 31.95
C ASN A 348 -2.63 -2.43 30.62
N VAL A 349 -1.33 -2.57 30.36
CA VAL A 349 -0.83 -3.14 29.12
C VAL A 349 0.12 -4.28 29.45
N SER A 350 -0.15 -5.44 28.85
CA SER A 350 0.71 -6.62 28.99
C SER A 350 1.20 -7.03 27.60
N LEU A 351 2.51 -7.26 27.49
CA LEU A 351 3.12 -7.70 26.24
C LEU A 351 3.44 -9.18 26.34
N GLU A 352 2.93 -9.96 25.40
CA GLU A 352 3.13 -11.41 25.36
C GLU A 352 3.98 -11.75 24.14
N ASP A 353 5.19 -12.24 24.39
CA ASP A 353 6.05 -12.73 23.30
C ASP A 353 5.49 -14.06 22.82
N VAL A 354 4.75 -14.02 21.71
CA VAL A 354 4.07 -15.22 21.22
C VAL A 354 4.97 -16.06 20.31
N LYS A 355 6.21 -15.63 20.08
CA LYS A 355 7.17 -16.52 19.44
C LYS A 355 7.74 -17.53 20.43
N ALA A 356 8.09 -17.07 21.64
CA ALA A 356 8.57 -17.98 22.67
C ALA A 356 7.43 -18.63 23.44
N ASN A 357 6.27 -17.98 23.49
CA ASN A 357 5.09 -18.48 24.20
C ASN A 357 3.91 -18.42 23.24
N PRO A 358 3.81 -19.36 22.31
CA PRO A 358 2.82 -19.25 21.23
C PRO A 358 1.40 -19.45 21.72
N ILE A 359 0.46 -18.89 20.95
CA ILE A 359 -0.95 -19.15 21.16
C ILE A 359 -1.26 -20.55 20.63
N VAL A 360 -1.79 -21.40 21.50
CA VAL A 360 -2.12 -22.78 21.13
C VAL A 360 -3.61 -23.00 20.98
N GLU A 361 -4.45 -22.11 21.49
CA GLU A 361 -5.90 -22.29 21.50
C GLU A 361 -6.54 -21.01 22.03
N ILE A 362 -7.75 -20.73 21.56
CA ILE A 362 -8.60 -19.72 22.17
C ILE A 362 -9.98 -20.34 22.37
N LYS A 363 -10.60 -20.02 23.51
CA LYS A 363 -11.87 -20.60 23.89
C LYS A 363 -12.96 -19.52 23.87
N GLU A 364 -14.08 -19.81 24.54
CA GLU A 364 -15.22 -18.90 24.49
C GLU A 364 -14.94 -17.56 25.16
N ASP A 365 -13.93 -17.49 26.03
CA ASP A 365 -13.69 -16.26 26.78
C ASP A 365 -12.22 -15.91 26.93
N CYS A 366 -11.31 -16.56 26.20
CA CYS A 366 -9.90 -16.34 26.48
C CYS A 366 -9.05 -16.77 25.29
N VAL A 367 -7.80 -16.30 25.30
CA VAL A 367 -6.72 -16.79 24.45
C VAL A 367 -5.76 -17.56 25.33
N VAL A 368 -5.46 -18.80 24.94
CA VAL A 368 -4.58 -19.67 25.73
C VAL A 368 -3.23 -19.75 25.02
N THR A 369 -2.16 -19.48 25.78
CA THR A 369 -0.81 -19.59 25.28
C THR A 369 -0.23 -20.96 25.65
N ALA A 370 0.99 -21.22 25.17
CA ALA A 370 1.60 -22.53 25.36
C ALA A 370 1.89 -22.81 26.84
N ASP A 371 2.07 -21.77 27.64
CA ASP A 371 2.33 -21.95 29.06
C ASP A 371 1.08 -22.30 29.86
N GLY A 372 -0.07 -22.43 29.20
CA GLY A 372 -1.32 -22.76 29.86
C GLY A 372 -2.09 -21.56 30.37
N VAL A 373 -1.52 -20.36 30.32
CA VAL A 373 -2.20 -19.17 30.84
C VAL A 373 -3.39 -18.84 29.96
N GLU A 374 -4.54 -18.62 30.59
CA GLU A 374 -5.75 -18.18 29.90
C GLU A 374 -5.85 -16.67 29.98
N HIS A 375 -5.76 -16.00 28.84
CA HIS A 375 -5.85 -14.54 28.78
C HIS A 375 -7.30 -14.18 28.50
N LYS A 376 -8.02 -13.83 29.56
CA LYS A 376 -9.45 -13.54 29.43
C LYS A 376 -9.67 -12.23 28.68
N LEU A 377 -10.51 -12.28 27.64
CA LEU A 377 -10.71 -11.14 26.76
C LEU A 377 -12.19 -10.94 26.49
N ASP A 378 -12.61 -9.67 26.49
CA ASP A 378 -13.92 -9.29 25.99
C ASP A 378 -13.90 -8.99 24.50
N MET A 379 -12.72 -8.75 23.94
CA MET A 379 -12.59 -8.36 22.54
C MET A 379 -11.22 -8.80 22.04
N LEU A 380 -11.19 -9.42 20.86
CA LEU A 380 -9.96 -9.86 20.23
C LEU A 380 -9.84 -9.20 18.87
N ILE A 381 -8.81 -8.39 18.69
CA ILE A 381 -8.56 -7.65 17.45
C ILE A 381 -7.45 -8.35 16.68
N CYS A 382 -7.72 -8.68 15.43
CA CYS A 382 -6.76 -9.37 14.57
C CYS A 382 -6.21 -8.37 13.55
N ALA A 383 -5.02 -7.85 13.82
CA ALA A 383 -4.27 -7.04 12.86
C ALA A 383 -3.21 -7.88 12.17
N THR A 384 -3.63 -8.99 11.58
CA THR A 384 -2.73 -10.03 11.11
C THR A 384 -2.39 -9.91 9.63
N GLY A 385 -2.78 -8.82 8.98
CA GLY A 385 -2.34 -8.57 7.62
C GLY A 385 -3.29 -9.08 6.56
N PHE A 386 -2.75 -9.17 5.33
CA PHE A 386 -3.51 -9.53 4.15
C PHE A 386 -2.72 -10.52 3.32
N ASP A 387 -3.35 -11.01 2.25
CA ASP A 387 -2.65 -11.79 1.25
C ASP A 387 -1.86 -10.86 0.34
N ALA A 388 -1.00 -11.45 -0.48
CA ALA A 388 -0.11 -10.66 -1.33
C ALA A 388 -0.91 -9.91 -2.39
N VAL A 389 -0.19 -9.05 -3.13
CA VAL A 389 -0.86 -8.15 -4.08
C VAL A 389 -1.50 -8.95 -5.21
N ASP A 390 -0.84 -10.01 -5.66
CA ASP A 390 -1.39 -10.82 -6.75
C ASP A 390 -2.68 -11.53 -6.33
N GLY A 391 -2.97 -11.60 -5.03
CA GLY A 391 -4.19 -12.26 -4.59
C GLY A 391 -5.44 -11.59 -5.12
N SER A 392 -5.45 -10.26 -5.19
CA SER A 392 -6.61 -9.56 -5.73
C SER A 392 -6.85 -9.92 -7.19
N TYR A 393 -5.79 -10.26 -7.92
CA TYR A 393 -5.95 -10.65 -9.32
C TYR A 393 -6.39 -12.11 -9.44
N LYS A 394 -5.75 -13.00 -8.68
CA LYS A 394 -6.14 -14.40 -8.68
C LYS A 394 -7.52 -14.61 -8.07
N ARG A 395 -8.00 -13.67 -7.26
CA ARG A 395 -9.36 -13.75 -6.75
C ARG A 395 -10.41 -13.44 -7.81
N ILE A 396 -9.99 -12.97 -8.98
CA ILE A 396 -10.88 -12.74 -10.11
C ILE A 396 -10.59 -13.80 -11.17
N ASP A 397 -11.64 -14.22 -11.88
CA ASP A 397 -11.51 -15.22 -12.93
C ASP A 397 -11.13 -14.52 -14.23
N ILE A 398 -9.83 -14.25 -14.36
CA ILE A 398 -9.28 -13.52 -15.50
C ILE A 398 -8.65 -14.52 -16.45
N ARG A 399 -9.15 -14.56 -17.69
CA ARG A 399 -8.63 -15.45 -18.72
C ARG A 399 -8.34 -14.64 -19.98
N GLY A 400 -7.11 -14.75 -20.48
CA GLY A 400 -6.72 -14.03 -21.67
C GLY A 400 -6.67 -14.91 -22.92
N LYS A 401 -5.55 -14.88 -23.64
CA LYS A 401 -5.36 -15.76 -24.78
C LYS A 401 -5.46 -17.21 -24.34
N ASP A 402 -5.75 -18.09 -25.29
CA ASP A 402 -5.84 -19.54 -25.08
C ASP A 402 -6.68 -19.94 -23.88
N GLY A 403 -7.14 -18.98 -23.09
CA GLY A 403 -7.91 -19.27 -21.89
C GLY A 403 -7.12 -19.50 -20.63
N ILE A 404 -5.81 -19.18 -20.61
CA ILE A 404 -5.05 -19.34 -19.37
C ILE A 404 -5.54 -18.34 -18.35
N SER A 405 -5.77 -18.82 -17.13
CA SER A 405 -6.20 -17.95 -16.04
C SER A 405 -4.99 -17.28 -15.39
N ILE A 406 -5.23 -16.09 -14.83
CA ILE A 406 -4.19 -15.42 -14.05
C ILE A 406 -3.82 -16.23 -12.83
N LYS A 407 -4.72 -17.10 -12.36
CA LYS A 407 -4.37 -18.08 -11.34
C LYS A 407 -3.25 -18.99 -11.82
N ASP A 408 -3.34 -19.46 -13.06
CA ASP A 408 -2.34 -20.38 -13.59
C ASP A 408 -1.07 -19.65 -14.01
N HIS A 409 -1.22 -18.51 -14.71
CA HIS A 409 -0.05 -17.80 -15.21
C HIS A 409 0.82 -17.27 -14.07
N TRP A 410 0.21 -16.99 -12.91
CA TRP A 410 0.94 -16.49 -11.74
C TRP A 410 0.98 -17.52 -10.62
N LYS A 411 0.99 -18.81 -10.96
CA LYS A 411 1.02 -19.85 -9.94
C LYS A 411 2.30 -19.81 -9.11
N ASP A 412 3.38 -19.23 -9.64
CA ASP A 412 4.65 -19.15 -8.94
C ASP A 412 4.97 -17.73 -8.49
N GLY A 413 4.02 -16.80 -8.61
CA GLY A 413 4.26 -15.43 -8.26
C GLY A 413 3.96 -14.50 -9.42
N PRO A 414 3.83 -13.20 -9.14
CA PRO A 414 3.48 -12.25 -10.20
C PRO A 414 4.68 -11.84 -11.03
N ASN A 415 4.46 -11.70 -12.33
CA ASN A 415 5.44 -11.14 -13.26
C ASN A 415 4.70 -10.27 -14.25
N SER A 416 5.39 -9.23 -14.75
CA SER A 416 4.74 -8.26 -15.62
C SER A 416 5.80 -7.44 -16.34
N TYR A 417 5.33 -6.60 -17.26
CA TYR A 417 6.16 -5.66 -18.00
C TYR A 417 5.86 -4.26 -17.46
N LEU A 418 6.88 -3.63 -16.86
CA LEU A 418 6.79 -2.30 -16.28
C LEU A 418 5.73 -2.20 -15.18
N GLY A 419 5.33 -3.33 -14.60
CA GLY A 419 4.31 -3.30 -13.57
C GLY A 419 2.91 -3.00 -14.05
N MET A 420 2.69 -2.99 -15.37
CA MET A 420 1.40 -2.61 -15.93
C MET A 420 0.81 -3.60 -16.91
N MET A 421 1.62 -4.45 -17.55
CA MET A 421 1.14 -5.36 -18.59
C MET A 421 1.59 -6.78 -18.29
N VAL A 422 0.72 -7.74 -18.58
CA VAL A 422 0.99 -9.15 -18.32
C VAL A 422 0.92 -9.90 -19.64
N SER A 423 1.91 -10.74 -19.91
CA SER A 423 1.90 -11.56 -21.11
C SER A 423 0.74 -12.54 -21.07
N ASN A 424 0.17 -12.82 -22.24
CA ASN A 424 -1.02 -13.66 -22.46
C ASN A 424 -2.31 -12.99 -22.02
N PHE A 425 -2.27 -11.72 -21.64
CA PHE A 425 -3.46 -10.98 -21.22
C PHE A 425 -3.49 -9.65 -21.96
N PRO A 426 -3.93 -9.66 -23.23
CA PRO A 426 -3.90 -8.42 -24.01
C PRO A 426 -4.98 -7.45 -23.57
N ASN A 427 -4.72 -6.16 -23.84
CA ASN A 427 -5.63 -5.06 -23.56
C ASN A 427 -5.97 -4.94 -22.08
N MET A 428 -5.17 -5.55 -21.22
CA MET A 428 -5.33 -5.43 -19.77
C MET A 428 -4.17 -4.62 -19.22
N PHE A 429 -4.48 -3.53 -18.53
CA PHE A 429 -3.48 -2.64 -17.97
C PHE A 429 -3.69 -2.53 -16.47
N MET A 430 -2.62 -2.75 -15.70
CA MET A 430 -2.68 -2.80 -14.25
C MET A 430 -2.23 -1.46 -13.68
N VAL A 431 -3.02 -0.93 -12.75
CA VAL A 431 -2.69 0.29 -12.02
C VAL A 431 -2.29 -0.09 -10.61
N PHE A 432 -1.10 0.34 -10.20
CA PHE A 432 -0.52 -0.02 -8.90
C PHE A 432 -0.41 -1.53 -8.75
N GLY A 433 -0.10 -2.21 -9.86
CA GLY A 433 0.05 -3.65 -9.85
C GLY A 433 1.40 -4.08 -9.34
N PRO A 434 1.62 -5.39 -9.35
CA PRO A 434 2.91 -5.93 -8.89
C PRO A 434 4.05 -5.53 -9.82
N ASN A 435 5.26 -5.75 -9.33
CA ASN A 435 6.50 -5.41 -10.06
C ASN A 435 6.58 -3.91 -10.37
N GLY A 436 5.98 -3.10 -9.51
CA GLY A 436 6.01 -1.66 -9.66
C GLY A 436 7.07 -1.03 -8.77
N PRO A 437 7.13 0.29 -8.76
CA PRO A 437 8.14 0.98 -7.96
C PRO A 437 7.75 1.06 -6.49
N LEU A 438 8.78 1.19 -5.65
CA LEU A 438 8.61 1.37 -4.20
C LEU A 438 8.70 2.86 -3.91
N ALA A 439 7.55 3.51 -3.82
CA ALA A 439 7.49 4.95 -3.58
C ALA A 439 6.09 5.30 -3.07
N ASN A 440 5.86 6.60 -2.90
CA ASN A 440 4.53 7.08 -2.52
C ASN A 440 3.51 6.66 -3.57
N SER A 441 2.33 6.24 -3.09
CA SER A 441 1.37 5.62 -4.00
C SER A 441 0.75 6.59 -5.00
N PRO A 442 0.23 7.75 -4.60
CA PRO A 442 -0.42 8.64 -5.58
C PRO A 442 0.49 9.02 -6.74
N PRO A 443 1.78 9.33 -6.51
CA PRO A 443 2.65 9.58 -7.67
C PRO A 443 2.83 8.37 -8.57
N ILE A 444 2.88 7.16 -7.99
CA ILE A 444 2.98 5.96 -8.82
C ILE A 444 1.69 5.77 -9.62
N ILE A 445 0.54 5.95 -8.97
CA ILE A 445 -0.74 5.76 -9.65
C ILE A 445 -0.89 6.76 -10.79
N GLU A 446 -0.57 8.03 -10.53
CA GLU A 446 -0.67 9.05 -11.57
C GLU A 446 0.26 8.75 -12.73
N THR A 447 1.47 8.26 -12.44
CA THR A 447 2.43 7.95 -13.50
C THR A 447 1.91 6.83 -14.40
N GLN A 448 1.34 5.78 -13.80
CA GLN A 448 0.89 4.64 -14.58
C GLN A 448 -0.39 4.97 -15.36
N VAL A 449 -1.29 5.73 -14.76
CA VAL A 449 -2.54 6.08 -15.43
C VAL A 449 -2.28 6.95 -16.65
N ARG A 450 -1.37 7.92 -16.53
CA ARG A 450 -1.01 8.74 -17.68
C ARG A 450 -0.33 7.91 -18.77
N TRP A 451 0.54 6.98 -18.38
CA TRP A 451 1.21 6.14 -19.35
C TRP A 451 0.22 5.23 -20.07
N ILE A 452 -0.70 4.62 -19.33
CA ILE A 452 -1.69 3.73 -19.94
C ILE A 452 -2.61 4.51 -20.86
N ALA A 453 -3.05 5.69 -20.43
CA ALA A 453 -3.95 6.49 -21.24
C ALA A 453 -3.30 6.95 -22.53
N ASP A 454 -2.01 7.32 -22.47
CA ASP A 454 -1.30 7.72 -23.67
C ASP A 454 -1.17 6.58 -24.66
N LEU A 455 -0.95 5.36 -24.16
CA LEU A 455 -0.87 4.20 -25.04
C LEU A 455 -2.22 3.88 -25.67
N ILE A 456 -3.29 4.02 -24.91
CA ILE A 456 -4.62 3.76 -25.44
C ILE A 456 -4.99 4.82 -26.48
N GLY A 457 -4.63 6.08 -26.22
CA GLY A 457 -4.83 7.11 -27.24
C GLY A 457 -3.97 6.89 -28.46
N TYR A 458 -2.71 6.47 -28.25
CA TYR A 458 -1.87 6.07 -29.38
C TYR A 458 -2.48 4.89 -30.13
N ALA A 459 -3.24 4.04 -29.43
CA ALA A 459 -3.89 2.91 -30.08
C ALA A 459 -5.09 3.37 -30.90
N GLU A 460 -5.87 4.31 -30.38
CA GLU A 460 -7.07 4.77 -31.07
C GLU A 460 -6.75 5.48 -32.37
N ASP A 461 -5.59 6.13 -32.45
CA ASP A 461 -5.22 6.90 -33.63
C ASP A 461 -4.58 6.04 -34.72
N HIS A 462 -3.77 5.06 -34.33
CA HIS A 462 -3.09 4.19 -35.28
C HIS A 462 -3.90 2.96 -35.63
N GLN A 463 -5.16 2.90 -35.21
CA GLN A 463 -6.10 1.85 -35.59
C GLN A 463 -5.58 0.46 -35.26
N ILE A 464 -5.13 0.30 -34.01
CA ILE A 464 -4.76 -1.01 -33.47
C ILE A 464 -5.76 -1.38 -32.40
N ASN A 465 -6.08 -2.68 -32.31
CA ASN A 465 -7.13 -3.15 -31.43
C ASN A 465 -6.65 -4.16 -30.39
N GLN A 466 -5.36 -4.51 -30.40
CA GLN A 466 -4.83 -5.47 -29.44
C GLN A 466 -3.44 -5.05 -29.02
N ILE A 467 -3.23 -4.92 -27.71
CA ILE A 467 -1.94 -4.54 -27.13
C ILE A 467 -1.55 -5.61 -26.12
N GLU A 468 -0.35 -6.17 -26.28
CA GLU A 468 0.10 -7.24 -25.42
C GLU A 468 1.62 -7.20 -25.28
N ALA A 469 2.10 -7.35 -24.06
CA ALA A 469 3.54 -7.42 -23.81
C ALA A 469 4.07 -8.82 -24.13
N THR A 470 5.25 -8.86 -24.74
CA THR A 470 5.85 -10.14 -25.09
C THR A 470 6.34 -10.87 -23.84
N LYS A 471 6.56 -12.18 -24.00
CA LYS A 471 7.12 -12.96 -22.91
C LYS A 471 8.53 -12.49 -22.57
N ASP A 472 9.31 -12.10 -23.58
CA ASP A 472 10.69 -11.68 -23.34
C ASP A 472 10.74 -10.33 -22.64
N ALA A 473 9.79 -9.43 -22.93
CA ALA A 473 9.78 -8.14 -22.25
C ALA A 473 9.47 -8.29 -20.77
N VAL A 474 8.58 -9.23 -20.42
CA VAL A 474 8.27 -9.49 -19.02
C VAL A 474 9.50 -10.04 -18.31
N ASP A 475 10.17 -11.01 -18.93
CA ASP A 475 11.37 -11.58 -18.33
C ASP A 475 12.51 -10.58 -18.28
N ASN A 476 12.54 -9.62 -19.21
CA ASN A 476 13.52 -8.54 -19.12
C ASN A 476 13.23 -7.65 -17.92
N TRP A 477 11.95 -7.43 -17.61
CA TRP A 477 11.59 -6.63 -16.44
C TRP A 477 11.95 -7.35 -15.15
N THR A 478 11.76 -8.67 -15.11
CA THR A 478 12.12 -9.44 -13.93
C THR A 478 13.62 -9.38 -13.67
N ASN A 479 14.43 -9.40 -14.74
CA ASN A 479 15.87 -9.28 -14.59
C ASN A 479 16.26 -7.90 -14.08
N THR A 480 15.61 -6.85 -14.59
CA THR A 480 15.91 -5.50 -14.14
C THR A 480 15.58 -5.32 -12.66
N CYS A 481 14.47 -5.90 -12.21
CA CYS A 481 14.08 -5.76 -10.81
C CYS A 481 15.00 -6.58 -9.91
N SER A 482 15.35 -7.80 -10.33
CA SER A 482 16.24 -8.63 -9.52
C SER A 482 17.65 -8.06 -9.48
N ASP A 483 18.10 -7.48 -10.59
CA ASP A 483 19.43 -6.88 -10.62
C ASP A 483 19.53 -5.71 -9.63
N ILE A 484 18.46 -4.92 -9.52
CA ILE A 484 18.46 -3.80 -8.60
C ILE A 484 18.26 -4.28 -7.16
N ALA A 485 17.35 -5.25 -6.96
CA ALA A 485 17.03 -5.70 -5.61
C ALA A 485 18.20 -6.44 -4.97
N ASN A 486 18.96 -7.20 -5.76
CA ASN A 486 20.08 -7.95 -5.20
C ASN A 486 21.25 -7.06 -4.79
N LYS A 487 21.19 -5.76 -5.10
CA LYS A 487 22.12 -4.78 -4.54
C LYS A 487 21.66 -4.25 -3.19
N THR A 488 20.53 -4.73 -2.68
CA THR A 488 19.88 -4.18 -1.51
C THR A 488 19.76 -5.23 -0.42
N LEU A 489 19.86 -4.78 0.84
CA LEU A 489 19.61 -5.66 1.98
C LEU A 489 18.15 -6.09 2.07
N PHE A 490 17.26 -5.44 1.32
CA PHE A 490 15.84 -5.80 1.35
C PHE A 490 15.60 -7.23 0.91
N ALA A 491 16.55 -7.84 0.20
CA ALA A 491 16.42 -9.24 -0.19
C ALA A 491 16.77 -10.17 0.96
N LYS A 492 17.76 -9.81 1.78
CA LYS A 492 18.20 -10.68 2.86
C LYS A 492 17.10 -10.85 3.90
N ALA A 493 16.56 -9.74 4.41
CA ALA A 493 15.53 -9.80 5.44
C ALA A 493 14.18 -10.19 4.86
N LYS A 494 13.10 -9.82 5.55
CA LYS A 494 11.75 -10.17 5.12
C LYS A 494 11.45 -9.65 3.71
N ASN A 507 13.08 -16.82 -10.60
CA ASN A 507 12.18 -16.52 -9.49
C ASN A 507 11.35 -15.28 -9.78
N THR A 508 10.44 -14.94 -8.88
CA THR A 508 9.58 -13.77 -9.02
C THR A 508 10.10 -12.65 -8.12
N VAL A 509 10.17 -11.44 -8.68
CA VAL A 509 10.60 -10.25 -7.96
C VAL A 509 9.40 -9.32 -7.85
N TYR A 510 9.02 -8.99 -6.62
CA TYR A 510 7.74 -8.33 -6.39
C TYR A 510 7.79 -6.83 -6.65
N LEU A 511 8.95 -6.19 -6.47
CA LEU A 511 9.05 -4.74 -6.49
C LEU A 511 10.19 -4.29 -7.40
N TYR A 512 9.94 -3.19 -8.12
CA TYR A 512 11.01 -2.46 -8.80
C TYR A 512 11.57 -1.44 -7.82
N MET A 513 12.88 -1.48 -7.61
CA MET A 513 13.51 -0.73 -6.52
C MET A 513 14.44 0.38 -7.03
N GLY A 514 14.23 0.84 -8.25
CA GLY A 514 15.04 1.91 -8.79
C GLY A 514 14.60 3.32 -8.47
N GLY A 515 13.44 3.47 -7.83
CA GLY A 515 12.91 4.77 -7.49
C GLY A 515 11.87 5.25 -8.49
N LEU A 516 11.15 6.30 -8.08
CA LEU A 516 10.10 6.84 -8.93
C LEU A 516 10.66 7.51 -10.17
N LYS A 517 11.76 8.24 -10.04
CA LYS A 517 12.35 8.93 -11.19
C LYS A 517 12.89 7.94 -12.21
N GLU A 518 13.63 6.93 -11.75
CA GLU A 518 14.18 5.94 -12.67
C GLU A 518 13.09 5.05 -13.25
N TYR A 519 12.02 4.80 -12.50
CA TYR A 519 10.88 4.07 -13.06
C TYR A 519 10.22 4.87 -14.17
N ARG A 520 10.07 6.18 -13.98
CA ARG A 520 9.54 7.03 -15.03
C ARG A 520 10.48 7.10 -16.22
N ASN A 521 11.79 6.97 -15.99
CA ASN A 521 12.73 6.88 -17.10
C ASN A 521 12.55 5.59 -17.89
N GLN A 522 12.28 4.48 -17.19
CA GLN A 522 12.13 3.19 -17.85
C GLN A 522 10.93 3.19 -18.78
N ILE A 523 9.76 3.60 -18.27
CA ILE A 523 8.55 3.57 -19.09
C ILE A 523 8.55 4.66 -20.14
N SER A 524 9.35 5.72 -19.96
CA SER A 524 9.45 6.75 -21.00
C SER A 524 10.21 6.23 -22.21
N GLU A 525 11.27 5.45 -21.99
CA GLU A 525 12.01 4.86 -23.09
C GLU A 525 11.14 3.91 -23.89
N VAL A 526 10.23 3.20 -23.22
CA VAL A 526 9.31 2.31 -23.92
C VAL A 526 8.36 3.10 -24.81
N SER A 527 7.68 4.10 -24.23
CA SER A 527 6.73 4.89 -25.00
C SER A 527 7.41 5.66 -26.13
N ASN A 528 8.68 6.03 -25.94
CA ASN A 528 9.39 6.76 -26.99
C ASN A 528 9.83 5.83 -28.11
N ASN A 529 10.26 4.61 -27.78
CA ASN A 529 10.73 3.64 -28.77
C ASN A 529 9.61 2.79 -29.33
N ASN A 530 8.45 3.40 -29.61
CA ASN A 530 7.32 2.73 -30.25
C ASN A 530 6.84 1.52 -29.44
N TYR A 531 6.89 1.64 -28.11
CA TYR A 531 6.40 0.62 -27.20
C TYR A 531 7.07 -0.73 -27.46
N LYS A 532 8.40 -0.73 -27.43
CA LYS A 532 9.16 -1.96 -27.60
C LYS A 532 8.82 -2.93 -26.47
N GLY A 533 8.73 -4.21 -26.82
CA GLY A 533 8.24 -5.22 -25.92
C GLY A 533 6.75 -5.46 -25.97
N CYS A 534 6.00 -4.57 -26.61
CA CYS A 534 4.57 -4.73 -26.79
C CYS A 534 4.26 -5.12 -28.24
N LEU A 535 3.11 -5.77 -28.42
CA LEU A 535 2.67 -6.24 -29.73
C LEU A 535 1.39 -5.50 -30.11
N LEU A 536 1.49 -4.66 -31.14
CA LEU A 536 0.38 -3.83 -31.58
C LEU A 536 -0.23 -4.45 -32.84
N LYS A 537 -1.43 -5.01 -32.70
CA LYS A 537 -2.11 -5.67 -33.81
C LYS A 537 -3.04 -4.70 -34.50
N GLN A 538 -2.88 -4.56 -35.82
CA GLN A 538 -3.72 -3.65 -36.59
C GLN A 538 -5.03 -4.32 -36.98
N SER A 539 -6.00 -3.49 -37.37
CA SER A 539 -7.31 -3.98 -37.77
C SER A 539 -7.61 -3.62 -39.21
#